data_6EY3
#
_entry.id   6EY3
#
_entity_poly.entity_id   1
_entity_poly.type   'polypeptide(L)'
_entity_poly.pdbx_seq_one_letter_code
;CRPLWTACG
;
_entity_poly.pdbx_strand_id   A
#
# COMPACT_ATOMS: atom_id res chain seq x y z
N CYS A 1 2.60 -4.77 -3.84
CA CYS A 1 2.31 -3.71 -2.87
C CYS A 1 3.19 -2.49 -3.13
N ARG A 2 3.15 -1.55 -2.20
CA ARG A 2 3.94 -0.34 -2.34
C ARG A 2 3.82 0.53 -1.09
N PRO A 3 4.16 -0.10 0.07
CA PRO A 3 4.09 0.60 1.34
C PRO A 3 2.64 0.76 1.81
N LEU A 4 2.44 1.67 2.74
CA LEU A 4 1.12 1.92 3.28
C LEU A 4 0.33 2.79 2.29
N TRP A 5 0.26 2.30 1.07
CA TRP A 5 -0.46 3.02 0.02
C TRP A 5 -1.96 2.86 0.28
N THR A 6 -2.27 2.02 1.26
CA THR A 6 -3.65 1.77 1.62
C THR A 6 -4.18 0.53 0.88
N ALA A 7 -3.61 0.29 -0.29
CA ALA A 7 -4.01 -0.85 -1.09
C ALA A 7 -3.64 -2.14 -0.36
N CYS A 8 -2.34 -2.36 -0.22
CA CYS A 8 -1.83 -3.55 0.45
C CYS A 8 -2.49 -3.72 1.82
N GLY A 9 -2.69 -2.61 2.52
CA GLY A 9 -3.31 -2.67 3.83
C GLY A 9 -2.48 -3.43 4.84
N CYS A 1 3.11 -2.78 -5.38
CA CYS A 1 2.53 -2.44 -4.09
C CYS A 1 3.60 -1.88 -3.15
N ARG A 2 3.17 -0.98 -2.26
CA ARG A 2 4.10 -0.38 -1.32
C ARG A 2 3.55 0.95 -0.81
N PRO A 3 4.46 1.78 -0.23
CA PRO A 3 4.07 3.08 0.29
C PRO A 3 3.31 2.93 1.61
N LEU A 4 2.19 2.24 1.55
CA LEU A 4 1.38 2.02 2.73
C LEU A 4 0.03 2.74 2.56
N TRP A 5 -0.44 2.76 1.32
CA TRP A 5 -1.70 3.41 1.01
C TRP A 5 -2.77 2.80 1.92
N THR A 6 -2.59 1.53 2.25
CA THR A 6 -3.53 0.84 3.11
C THR A 6 -3.82 -0.57 2.56
N ALA A 7 -2.74 -1.28 2.24
CA ALA A 7 -2.88 -2.62 1.71
C ALA A 7 -1.96 -2.76 0.49
N CYS A 8 -2.07 -1.81 -0.42
CA CYS A 8 -1.27 -1.80 -1.63
C CYS A 8 -1.28 -0.42 -2.30
N GLY A 9 -2.41 -0.10 -2.94
CA GLY A 9 -2.53 1.18 -3.60
C GLY A 9 -3.80 1.92 -3.20
N CYS A 1 4.26 -3.53 -5.01
CA CYS A 1 3.76 -2.28 -4.47
C CYS A 1 4.62 -1.80 -3.30
N ARG A 2 4.19 -0.75 -2.64
CA ARG A 2 4.93 -0.21 -1.50
C ARG A 2 4.32 1.11 -1.05
N PRO A 3 5.15 1.93 -0.35
CA PRO A 3 4.70 3.21 0.15
C PRO A 3 3.80 3.04 1.37
N LEU A 4 2.70 2.35 1.15
CA LEU A 4 1.74 2.11 2.23
C LEU A 4 0.41 2.77 1.88
N TRP A 5 0.09 2.72 0.60
CA TRP A 5 -1.16 3.31 0.12
C TRP A 5 -2.31 2.71 0.93
N THR A 6 -2.13 1.44 1.30
CA THR A 6 -3.14 0.74 2.08
C THR A 6 -3.94 -0.20 1.19
N ALA A 7 -4.10 0.21 -0.06
CA ALA A 7 -4.84 -0.58 -1.03
C ALA A 7 -4.23 -1.98 -1.11
N CYS A 8 -2.92 -2.00 -1.40
CA CYS A 8 -2.20 -3.26 -1.51
C CYS A 8 -2.35 -4.10 -0.26
N GLY A 9 -2.37 -3.42 0.90
CA GLY A 9 -2.51 -4.12 2.16
C GLY A 9 -3.62 -3.55 3.02
N CYS A 1 2.83 -3.17 -4.92
CA CYS A 1 2.32 -3.06 -3.57
C CYS A 1 3.36 -2.45 -2.63
N ARG A 2 2.93 -1.50 -1.82
CA ARG A 2 3.83 -0.85 -0.89
C ARG A 2 3.44 0.62 -0.70
N PRO A 3 4.42 1.42 -0.23
CA PRO A 3 4.19 2.84 0.00
C PRO A 3 3.36 3.06 1.27
N LEU A 4 2.16 2.49 1.26
CA LEU A 4 1.26 2.61 2.38
C LEU A 4 0.01 3.40 1.96
N TRP A 5 -0.34 3.24 0.70
CA TRP A 5 -1.50 3.93 0.16
C TRP A 5 -2.75 3.39 0.87
N THR A 6 -2.58 2.23 1.49
CA THR A 6 -3.66 1.60 2.21
C THR A 6 -4.48 0.69 1.27
N ALA A 7 -3.93 -0.49 1.04
CA ALA A 7 -4.59 -1.44 0.17
C ALA A 7 -3.71 -2.70 0.05
N CYS A 8 -2.92 -2.73 -1.03
CA CYS A 8 -2.03 -3.85 -1.28
C CYS A 8 -1.01 -4.01 -0.15
N GLY A 9 -0.74 -2.91 0.55
CA GLY A 9 0.22 -2.95 1.65
C GLY A 9 -0.37 -3.56 2.90
N CYS A 1 2.93 -2.92 -5.70
CA CYS A 1 2.39 -1.95 -4.75
C CYS A 1 3.35 -1.76 -3.57
N ARG A 2 2.86 -1.11 -2.52
CA ARG A 2 3.68 -0.86 -1.35
C ARG A 2 3.32 0.48 -0.73
N PRO A 3 4.33 1.09 -0.04
CA PRO A 3 4.13 2.37 0.61
C PRO A 3 3.30 2.23 1.88
N LEU A 4 2.07 1.76 1.70
CA LEU A 4 1.17 1.57 2.83
C LEU A 4 -0.07 2.43 2.63
N TRP A 5 -0.53 2.48 1.38
CA TRP A 5 -1.70 3.28 1.05
C TRP A 5 -2.84 2.83 1.97
N THR A 6 -2.83 1.55 2.30
CA THR A 6 -3.85 0.99 3.16
C THR A 6 -4.29 -0.39 2.65
N ALA A 7 -3.31 -1.24 2.42
CA ALA A 7 -3.58 -2.58 1.93
C ALA A 7 -2.49 -2.99 0.94
N CYS A 8 -2.31 -2.15 -0.08
CA CYS A 8 -1.31 -2.40 -1.11
C CYS A 8 -0.86 -1.08 -1.74
N GLY A 9 -1.78 -0.41 -2.42
CA GLY A 9 -1.45 0.85 -3.06
C GLY A 9 -0.45 0.68 -4.19
N CYS A 1 3.79 -3.64 -5.21
CA CYS A 1 3.06 -2.92 -4.18
C CYS A 1 4.02 -2.44 -3.08
N ARG A 2 3.50 -1.67 -2.14
CA ARG A 2 4.31 -1.16 -1.05
C ARG A 2 3.89 0.27 -0.69
N PRO A 3 4.82 0.99 -0.02
CA PRO A 3 4.55 2.36 0.39
C PRO A 3 3.59 2.41 1.58
N LEU A 4 2.40 1.88 1.35
CA LEU A 4 1.38 1.86 2.39
C LEU A 4 0.19 2.72 1.96
N TRP A 5 -0.10 2.68 0.67
CA TRP A 5 -1.20 3.44 0.12
C TRP A 5 -2.50 2.95 0.78
N THR A 6 -2.46 1.71 1.23
CA THR A 6 -3.61 1.11 1.88
C THR A 6 -4.42 0.30 0.87
N ALA A 7 -4.32 0.70 -0.39
CA ALA A 7 -5.04 0.02 -1.45
C ALA A 7 -4.74 -1.48 -1.39
N CYS A 8 -3.45 -1.79 -1.48
CA CYS A 8 -2.99 -3.17 -1.44
C CYS A 8 -3.49 -3.87 -0.18
N GLY A 9 -3.54 -3.14 0.92
CA GLY A 9 -4.00 -3.70 2.17
C GLY A 9 -3.51 -2.92 3.38
N CYS A 1 3.46 -2.69 -4.95
CA CYS A 1 3.04 -1.53 -4.18
C CYS A 1 3.97 -1.30 -2.99
N ARG A 2 3.62 -0.34 -2.16
CA ARG A 2 4.43 -0.03 -0.98
C ARG A 2 3.97 1.28 -0.35
N PRO A 3 4.91 1.92 0.40
CA PRO A 3 4.62 3.17 1.06
C PRO A 3 3.74 2.95 2.30
N LEU A 4 2.57 2.38 2.06
CA LEU A 4 1.64 2.11 3.16
C LEU A 4 0.31 2.82 2.87
N TRP A 5 -0.08 2.78 1.62
CA TRP A 5 -1.33 3.43 1.21
C TRP A 5 -2.48 2.70 1.91
N THR A 6 -2.21 1.47 2.30
CA THR A 6 -3.20 0.66 2.98
C THR A 6 -3.02 -0.82 2.63
N ALA A 7 -2.46 -1.05 1.46
CA ALA A 7 -2.23 -2.41 1.00
C ALA A 7 -1.62 -2.37 -0.41
N CYS A 8 -2.49 -2.49 -1.40
CA CYS A 8 -2.07 -2.48 -2.80
C CYS A 8 -3.14 -1.83 -3.68
N GLY A 9 -4.39 -2.16 -3.42
CA GLY A 9 -5.49 -1.60 -4.20
C GLY A 9 -6.78 -2.38 -4.03
N CYS A 1 2.01 -2.68 -5.27
CA CYS A 1 1.48 -2.49 -3.92
C CYS A 1 2.57 -2.09 -2.95
N ARG A 2 2.23 -1.24 -1.99
CA ARG A 2 3.20 -0.78 -1.01
C ARG A 2 3.16 0.74 -0.90
N PRO A 3 4.30 1.30 -0.40
CA PRO A 3 4.41 2.74 -0.24
C PRO A 3 3.60 3.22 0.97
N LEU A 4 2.30 2.99 0.89
CA LEU A 4 1.40 3.39 1.96
C LEU A 4 0.12 3.96 1.37
N TRP A 5 -0.80 3.06 1.06
CA TRP A 5 -2.09 3.46 0.49
C TRP A 5 -2.94 2.21 0.33
N THR A 6 -2.82 1.32 1.32
CA THR A 6 -3.59 0.08 1.30
C THR A 6 -3.41 -0.64 -0.04
N ALA A 7 -2.23 -0.47 -0.61
CA ALA A 7 -1.93 -1.09 -1.89
C ALA A 7 -1.93 -2.62 -1.73
N CYS A 8 -1.25 -3.07 -0.68
CA CYS A 8 -1.15 -4.49 -0.39
C CYS A 8 -1.81 -4.81 0.95
N GLY A 9 -1.17 -4.38 2.04
CA GLY A 9 -1.72 -4.63 3.36
C GLY A 9 -1.95 -3.35 4.14
N CYS A 1 1.43 -1.84 -3.92
CA CYS A 1 1.81 -2.84 -2.95
C CYS A 1 3.06 -2.40 -2.19
N ARG A 2 2.91 -1.40 -1.34
CA ARG A 2 4.03 -0.90 -0.57
C ARG A 2 3.96 0.62 -0.44
N PRO A 3 5.12 1.23 -0.07
CA PRO A 3 5.20 2.67 0.09
C PRO A 3 4.51 3.12 1.37
N LEU A 4 3.21 2.84 1.44
CA LEU A 4 2.42 3.22 2.61
C LEU A 4 1.26 4.10 2.17
N TRP A 5 0.25 3.45 1.61
CA TRP A 5 -0.93 4.15 1.14
C TRP A 5 -1.85 3.14 0.44
N THR A 6 -1.94 1.96 1.03
CA THR A 6 -2.77 0.90 0.49
C THR A 6 -2.43 0.69 -0.99
N ALA A 7 -1.15 0.63 -1.28
CA ALA A 7 -0.69 0.43 -2.65
C ALA A 7 -1.39 -0.79 -3.24
N CYS A 8 -1.28 -1.91 -2.53
CA CYS A 8 -1.90 -3.16 -2.97
C CYS A 8 -3.42 -3.10 -2.81
N GLY A 9 -3.87 -2.21 -1.93
CA GLY A 9 -5.31 -2.07 -1.71
C GLY A 9 -6.08 -1.84 -2.99
N CYS A 1 4.73 -2.06 -5.83
CA CYS A 1 3.91 -1.43 -4.80
C CYS A 1 4.72 -1.24 -3.51
N ARG A 2 4.23 -0.37 -2.64
CA ARG A 2 4.91 -0.11 -1.39
C ARG A 2 4.40 1.20 -0.78
N PRO A 3 5.26 1.79 0.09
CA PRO A 3 4.91 3.05 0.74
C PRO A 3 3.88 2.82 1.85
N LEU A 4 2.68 2.46 1.44
CA LEU A 4 1.60 2.22 2.38
C LEU A 4 0.32 2.86 1.87
N TRP A 5 -0.19 2.31 0.77
CA TRP A 5 -1.41 2.83 0.17
C TRP A 5 -2.54 2.64 1.18
N THR A 6 -2.45 1.54 1.92
CA THR A 6 -3.47 1.23 2.91
C THR A 6 -4.54 0.31 2.32
N ALA A 7 -4.06 -0.73 1.66
CA ALA A 7 -4.97 -1.70 1.05
C ALA A 7 -4.17 -2.61 0.12
N CYS A 8 -3.17 -2.02 -0.53
CA CYS A 8 -2.31 -2.76 -1.46
C CYS A 8 -1.77 -4.02 -0.80
N GLY A 9 -0.83 -3.83 0.13
CA GLY A 9 -0.23 -4.97 0.81
C GLY A 9 -0.51 -4.95 2.30
N CYS A 1 3.58 -2.61 -6.05
CA CYS A 1 2.91 -1.91 -4.96
C CYS A 1 3.93 -1.46 -3.91
N ARG A 2 3.43 -0.78 -2.88
CA ARG A 2 4.30 -0.30 -1.82
C ARG A 2 3.80 1.05 -1.30
N PRO A 3 4.73 1.77 -0.61
CA PRO A 3 4.40 3.08 -0.05
C PRO A 3 3.51 2.93 1.19
N LEU A 4 2.32 2.39 0.97
CA LEU A 4 1.37 2.20 2.05
C LEU A 4 0.11 3.02 1.78
N TRP A 5 -0.27 3.05 0.51
CA TRP A 5 -1.45 3.79 0.10
C TRP A 5 -2.63 3.30 0.94
N THR A 6 -2.57 2.03 1.29
CA THR A 6 -3.63 1.43 2.09
C THR A 6 -4.41 0.40 1.27
N ALA A 7 -3.84 -0.79 1.17
CA ALA A 7 -4.46 -1.86 0.42
C ALA A 7 -3.55 -3.09 0.42
N CYS A 8 -2.73 -3.17 -0.62
CA CYS A 8 -1.79 -4.28 -0.76
C CYS A 8 -0.97 -4.46 0.51
N GLY A 9 -0.47 -3.35 1.05
CA GLY A 9 0.34 -3.40 2.25
C GLY A 9 -0.36 -4.14 3.38
N CYS A 1 2.61 -2.91 -5.44
CA CYS A 1 2.09 -2.67 -4.10
C CYS A 1 3.22 -2.26 -3.15
N ARG A 2 2.86 -1.52 -2.11
CA ARG A 2 3.84 -1.06 -1.14
C ARG A 2 3.48 0.34 -0.64
N PRO A 3 4.50 1.01 -0.04
CA PRO A 3 4.31 2.35 0.47
C PRO A 3 3.51 2.33 1.78
N LEU A 4 2.29 1.81 1.67
CA LEU A 4 1.42 1.72 2.83
C LEU A 4 0.20 2.62 2.62
N TRP A 5 -0.20 2.72 1.36
CA TRP A 5 -1.34 3.54 1.00
C TRP A 5 -2.59 2.94 1.66
N THR A 6 -2.48 1.67 1.99
CA THR A 6 -3.58 0.96 2.63
C THR A 6 -4.50 0.35 1.57
N ALA A 7 -4.24 0.71 0.32
CA ALA A 7 -5.03 0.22 -0.79
C ALA A 7 -4.87 -1.30 -0.89
N CYS A 8 -3.93 -1.71 -1.74
CA CYS A 8 -3.65 -3.12 -1.96
C CYS A 8 -3.38 -3.83 -0.63
N GLY A 9 -2.58 -3.19 0.22
CA GLY A 9 -2.25 -3.77 1.51
C GLY A 9 -3.25 -3.39 2.59
N CYS A 1 4.04 -3.44 -4.98
CA CYS A 1 3.29 -2.78 -3.91
C CYS A 1 4.24 -2.12 -2.91
N ARG A 2 3.67 -1.38 -1.97
CA ARG A 2 4.46 -0.70 -0.96
C ARG A 2 3.94 0.71 -0.73
N PRO A 3 4.86 1.59 -0.26
CA PRO A 3 4.50 2.98 0.01
C PRO A 3 3.67 3.10 1.29
N LEU A 4 2.47 2.55 1.24
CA LEU A 4 1.57 2.58 2.38
C LEU A 4 0.23 3.17 1.95
N TRP A 5 -0.23 2.74 0.79
CA TRP A 5 -1.50 3.22 0.26
C TRP A 5 -2.63 2.58 1.08
N THR A 6 -2.23 1.69 1.97
CA THR A 6 -3.19 1.01 2.82
C THR A 6 -3.70 -0.26 2.14
N ALA A 7 -2.81 -0.88 1.38
CA ALA A 7 -3.15 -2.10 0.67
C ALA A 7 -1.95 -2.57 -0.15
N CYS A 8 -1.96 -2.18 -1.42
CA CYS A 8 -0.88 -2.54 -2.33
C CYS A 8 -0.34 -1.31 -3.05
N GLY A 9 -1.23 -0.42 -3.45
CA GLY A 9 -0.82 0.79 -4.13
C GLY A 9 -1.36 2.04 -3.48
N CYS A 1 1.48 -2.27 -4.49
CA CYS A 1 1.67 -2.88 -3.18
C CYS A 1 2.98 -2.41 -2.54
N ARG A 2 2.87 -1.46 -1.62
CA ARG A 2 4.04 -0.93 -0.94
C ARG A 2 3.94 0.58 -0.80
N PRO A 3 5.12 1.22 -0.60
CA PRO A 3 5.17 2.67 -0.44
C PRO A 3 4.68 3.08 0.94
N LEU A 4 3.43 2.76 1.22
CA LEU A 4 2.83 3.08 2.50
C LEU A 4 1.45 3.70 2.27
N TRP A 5 0.46 2.82 2.19
CA TRP A 5 -0.91 3.25 1.97
C TRP A 5 -1.73 2.03 1.55
N THR A 6 -1.06 1.11 0.86
CA THR A 6 -1.72 -0.09 0.40
C THR A 6 -1.09 -0.59 -0.90
N ALA A 7 -1.18 0.26 -1.91
CA ALA A 7 -0.62 -0.07 -3.22
C ALA A 7 -1.67 -0.79 -4.05
N CYS A 8 -2.23 -1.84 -3.46
CA CYS A 8 -3.25 -2.64 -4.13
C CYS A 8 -4.54 -2.68 -3.29
N GLY A 9 -4.51 -3.46 -2.21
CA GLY A 9 -5.67 -3.57 -1.36
C GLY A 9 -6.93 -3.96 -2.12
N CYS A 1 1.58 -1.20 -4.86
CA CYS A 1 1.43 -2.07 -3.71
C CYS A 1 2.62 -1.95 -2.77
N ARG A 2 2.44 -1.17 -1.71
CA ARG A 2 3.50 -0.97 -0.74
C ARG A 2 3.62 0.51 -0.37
N PRO A 3 4.78 0.86 0.24
CA PRO A 3 5.02 2.23 0.65
C PRO A 3 4.23 2.59 1.91
N LEU A 4 2.91 2.48 1.77
CA LEU A 4 2.03 2.78 2.88
C LEU A 4 0.93 3.75 2.42
N TRP A 5 -0.12 3.16 1.85
CA TRP A 5 -1.24 3.95 1.37
C TRP A 5 -2.28 2.99 0.80
N THR A 6 -2.45 1.87 1.50
CA THR A 6 -3.41 0.87 1.08
C THR A 6 -2.95 -0.52 1.51
N ALA A 7 -1.78 -0.91 1.03
CA ALA A 7 -1.22 -2.21 1.35
C ALA A 7 -0.96 -3.00 0.07
N CYS A 8 -1.98 -3.01 -0.80
CA CYS A 8 -1.88 -3.72 -2.07
C CYS A 8 -3.17 -3.55 -2.88
N GLY A 9 -3.04 -3.03 -4.09
CA GLY A 9 -4.21 -2.84 -4.94
C GLY A 9 -4.28 -1.43 -5.50
N CYS A 1 1.06 -4.78 -1.41
CA CYS A 1 1.94 -3.98 -0.58
C CYS A 1 2.63 -2.90 -1.40
N ARG A 2 2.96 -1.79 -0.75
CA ARG A 2 3.63 -0.68 -1.42
C ARG A 2 4.00 0.40 -0.42
N PRO A 3 4.76 -0.02 0.62
CA PRO A 3 5.20 0.92 1.65
C PRO A 3 4.04 1.27 2.59
N LEU A 4 3.01 1.86 2.01
CA LEU A 4 1.84 2.25 2.77
C LEU A 4 0.91 3.10 1.90
N TRP A 5 -0.13 2.45 1.40
CA TRP A 5 -1.09 3.13 0.54
C TRP A 5 -2.12 2.09 0.07
N THR A 6 -1.60 0.95 -0.35
CA THR A 6 -2.45 -0.12 -0.83
C THR A 6 -3.35 -0.64 0.30
N ALA A 7 -2.71 -1.15 1.34
CA ALA A 7 -3.43 -1.68 2.48
C ALA A 7 -2.66 -2.86 3.08
N CYS A 8 -2.04 -3.64 2.18
CA CYS A 8 -1.27 -4.80 2.58
C CYS A 8 -0.24 -4.42 3.64
N GLY A 9 0.57 -3.40 3.35
CA GLY A 9 1.59 -2.97 4.29
C GLY A 9 2.52 -1.94 3.69
N CYS A 1 1.98 -0.95 -4.82
CA CYS A 1 2.10 -0.98 -3.37
C CYS A 1 3.33 -0.20 -2.91
N ARG A 2 3.38 0.12 -1.63
CA ARG A 2 4.50 0.87 -1.09
C ARG A 2 4.38 0.98 0.44
N PRO A 3 4.24 -0.20 1.09
CA PRO A 3 4.12 -0.24 2.54
C PRO A 3 2.71 0.19 2.97
N LEU A 4 2.68 1.30 3.71
CA LEU A 4 1.42 1.83 4.20
C LEU A 4 0.69 2.54 3.05
N TRP A 5 0.36 1.75 2.03
CA TRP A 5 -0.33 2.30 0.87
C TRP A 5 -1.68 2.84 1.34
N THR A 6 -2.45 1.97 1.97
CA THR A 6 -3.76 2.36 2.48
C THR A 6 -4.85 1.57 1.77
N ALA A 7 -4.53 0.31 1.45
CA ALA A 7 -5.48 -0.55 0.77
C ALA A 7 -4.75 -1.83 0.32
N CYS A 8 -3.50 -1.65 -0.09
CA CYS A 8 -2.68 -2.77 -0.55
C CYS A 8 -2.69 -3.90 0.48
N GLY A 9 -2.73 -3.53 1.75
CA GLY A 9 -2.74 -4.53 2.81
C GLY A 9 -3.84 -4.30 3.82
N CYS A 1 3.18 -3.30 -5.33
CA CYS A 1 2.59 -2.90 -4.05
C CYS A 1 3.67 -2.42 -3.09
N ARG A 2 3.24 -1.77 -2.02
CA ARG A 2 4.18 -1.26 -1.03
C ARG A 2 4.18 0.26 -1.02
N PRO A 3 5.30 0.83 -0.49
CA PRO A 3 5.43 2.28 -0.42
C PRO A 3 4.57 2.86 0.69
N LEU A 4 3.26 2.62 0.57
CA LEU A 4 2.32 3.12 1.55
C LEU A 4 0.99 3.45 0.86
N TRP A 5 0.12 2.46 0.80
CA TRP A 5 -1.17 2.64 0.17
C TRP A 5 -2.12 1.57 0.71
N THR A 6 -1.83 1.13 1.93
CA THR A 6 -2.64 0.11 2.56
C THR A 6 -2.92 -1.05 1.60
N ALA A 7 -1.92 -1.33 0.77
CA ALA A 7 -2.04 -2.40 -0.21
C ALA A 7 -1.08 -2.13 -1.38
N CYS A 8 -1.57 -1.35 -2.33
CA CYS A 8 -0.78 -1.00 -3.51
C CYS A 8 -0.68 0.52 -3.67
N GLY A 9 -1.75 1.21 -3.34
CA GLY A 9 -1.77 2.65 -3.45
C GLY A 9 -1.95 3.13 -4.88
N CYS A 1 2.72 -0.74 -5.45
CA CYS A 1 2.33 -1.07 -4.08
C CYS A 1 3.52 -0.95 -3.13
N ARG A 2 3.27 -0.36 -1.97
CA ARG A 2 4.34 -0.20 -0.98
C ARG A 2 4.26 1.20 -0.36
N PRO A 3 5.36 1.57 0.35
CA PRO A 3 5.43 2.87 0.99
C PRO A 3 4.58 2.90 2.26
N LEU A 4 3.28 2.68 2.07
CA LEU A 4 2.35 2.68 3.18
C LEU A 4 1.01 3.27 2.72
N TRP A 5 0.12 2.38 2.30
CA TRP A 5 -1.19 2.81 1.85
C TRP A 5 -1.11 3.02 0.33
N THR A 6 -0.02 2.53 -0.25
CA THR A 6 0.18 2.66 -1.68
C THR A 6 -1.08 2.27 -2.44
N ALA A 7 -1.69 1.18 -1.99
CA ALA A 7 -2.90 0.68 -2.61
C ALA A 7 -2.57 -0.59 -3.41
N CYS A 8 -3.17 -1.70 -2.97
CA CYS A 8 -2.96 -2.99 -3.63
C CYS A 8 -4.19 -3.87 -3.48
N GLY A 9 -4.78 -3.88 -2.29
CA GLY A 9 -5.95 -4.68 -2.04
C GLY A 9 -5.61 -6.12 -1.71
N CYS A 1 0.24 -4.00 -2.07
CA CYS A 1 0.91 -3.14 -1.10
C CYS A 1 1.81 -2.12 -1.80
N ARG A 2 2.34 -1.18 -1.03
CA ARG A 2 3.20 -0.16 -1.59
C ARG A 2 3.75 0.74 -0.48
N PRO A 3 4.40 0.09 0.52
CA PRO A 3 4.97 0.82 1.65
C PRO A 3 3.87 1.27 2.61
N LEU A 4 2.89 1.96 2.06
CA LEU A 4 1.78 2.45 2.86
C LEU A 4 0.83 3.26 1.97
N TRP A 5 -0.22 2.58 1.51
CA TRP A 5 -1.20 3.23 0.65
C TRP A 5 -1.71 2.19 -0.35
N THR A 6 -0.91 1.14 -0.52
CA THR A 6 -1.25 0.07 -1.44
C THR A 6 -2.45 -0.71 -0.92
N ALA A 7 -2.82 -0.41 0.32
CA ALA A 7 -3.95 -1.08 0.95
C ALA A 7 -3.47 -1.83 2.19
N CYS A 8 -2.24 -2.34 2.10
CA CYS A 8 -1.63 -3.08 3.20
C CYS A 8 -0.33 -2.43 3.64
N GLY A 9 0.67 -2.48 2.76
CA GLY A 9 1.96 -1.90 3.07
C GLY A 9 2.97 -2.93 3.52
N CYS A 1 2.76 -1.11 -5.65
CA CYS A 1 2.33 -0.60 -4.36
C CYS A 1 3.53 -0.41 -3.43
N ARG A 2 3.26 0.01 -2.20
CA ARG A 2 4.32 0.23 -1.24
C ARG A 2 4.08 1.53 -0.48
N PRO A 3 5.18 2.07 0.10
CA PRO A 3 5.11 3.32 0.86
C PRO A 3 4.46 3.09 2.22
N LEU A 4 3.22 2.62 2.18
CA LEU A 4 2.48 2.36 3.41
C LEU A 4 1.13 3.06 3.34
N TRP A 5 0.18 2.39 2.70
CA TRP A 5 -1.16 2.92 2.56
C TRP A 5 -1.39 3.23 1.07
N THR A 6 -0.50 2.70 0.25
CA THR A 6 -0.59 2.91 -1.19
C THR A 6 -2.03 2.67 -1.67
N ALA A 7 -2.60 1.59 -1.19
CA ALA A 7 -3.97 1.23 -1.56
C ALA A 7 -4.01 -0.23 -2.00
N CYS A 8 -3.43 -0.48 -3.17
CA CYS A 8 -3.39 -1.82 -3.74
C CYS A 8 -4.80 -2.37 -3.94
N GLY A 9 -5.23 -2.45 -5.20
CA GLY A 9 -6.55 -2.95 -5.51
C GLY A 9 -6.85 -2.92 -6.99
N CYS A 1 0.49 -4.29 -2.24
CA CYS A 1 1.32 -3.73 -1.19
C CYS A 1 2.23 -2.64 -1.74
N ARG A 2 2.62 -1.71 -0.88
CA ARG A 2 3.48 -0.62 -1.29
C ARG A 2 3.90 0.21 -0.07
N PRO A 3 4.48 -0.49 0.94
CA PRO A 3 4.93 0.17 2.15
C PRO A 3 3.73 0.54 3.04
N LEU A 4 2.89 1.41 2.51
CA LEU A 4 1.72 1.85 3.25
C LEU A 4 1.04 2.99 2.49
N TRP A 5 0.01 2.65 1.74
CA TRP A 5 -0.73 3.64 0.96
C TRP A 5 -1.36 2.92 -0.24
N THR A 6 -0.61 1.95 -0.75
CA THR A 6 -1.08 1.19 -1.89
C THR A 6 -2.34 0.39 -1.54
N ALA A 7 -2.21 -0.44 -0.53
CA ALA A 7 -3.32 -1.25 -0.08
C ALA A 7 -2.92 -2.73 -0.13
N CYS A 8 -2.92 -3.36 1.04
CA CYS A 8 -2.57 -4.76 1.16
C CYS A 8 -3.66 -5.55 1.88
N GLY A 9 -4.26 -4.92 2.88
CA GLY A 9 -5.32 -5.58 3.63
C GLY A 9 -6.25 -4.58 4.31
N CYS A 1 3.55 -4.44 -2.93
CA CYS A 1 3.05 -3.36 -2.09
C CYS A 1 3.67 -2.03 -2.48
N ARG A 2 3.44 -1.01 -1.67
CA ARG A 2 3.97 0.32 -1.94
C ARG A 2 3.66 1.27 -0.79
N PRO A 3 4.05 0.83 0.44
CA PRO A 3 3.82 1.63 1.63
C PRO A 3 2.34 1.58 2.04
N LEU A 4 1.88 2.68 2.62
CA LEU A 4 0.50 2.78 3.06
C LEU A 4 -0.40 3.05 1.86
N TRP A 5 -0.24 2.22 0.83
CA TRP A 5 -1.03 2.36 -0.37
C TRP A 5 -2.48 2.64 0.03
N THR A 6 -2.92 1.90 1.05
CA THR A 6 -4.28 2.05 1.54
C THR A 6 -5.06 0.74 1.39
N ALA A 7 -4.33 -0.36 1.57
CA ALA A 7 -4.94 -1.68 1.47
C ALA A 7 -3.86 -2.70 1.12
N CYS A 8 -3.27 -2.53 -0.05
CA CYS A 8 -2.22 -3.42 -0.53
C CYS A 8 -2.79 -4.78 -0.91
N GLY A 9 -3.37 -5.47 0.07
CA GLY A 9 -3.94 -6.78 -0.18
C GLY A 9 -2.89 -7.86 -0.32
N CYS A 1 0.22 -1.99 -0.57
CA CYS A 1 1.07 -3.14 -0.83
C CYS A 1 2.45 -2.71 -1.33
N ARG A 2 3.00 -1.69 -0.69
CA ARG A 2 4.30 -1.18 -1.07
C ARG A 2 4.75 -0.08 -0.10
N PRO A 3 4.77 -0.43 1.21
CA PRO A 3 5.16 0.52 2.24
C PRO A 3 4.06 1.55 2.49
N LEU A 4 3.30 1.82 1.44
CA LEU A 4 2.22 2.78 1.53
C LEU A 4 1.65 3.05 0.14
N TRP A 5 0.35 2.82 0.02
CA TRP A 5 -0.32 3.04 -1.25
C TRP A 5 -1.10 1.76 -1.59
N THR A 6 -1.80 1.25 -0.59
CA THR A 6 -2.58 0.04 -0.77
C THR A 6 -2.79 -0.66 0.58
N ALA A 7 -3.85 -0.28 1.27
CA ALA A 7 -4.16 -0.87 2.55
C ALA A 7 -4.07 -2.39 2.46
N CYS A 8 -4.33 -2.89 1.25
CA CYS A 8 -4.29 -4.32 0.99
C CYS A 8 -3.11 -4.97 1.72
N GLY A 9 -1.98 -4.29 1.74
CA GLY A 9 -0.81 -4.82 2.40
C GLY A 9 -0.95 -4.80 3.91
N CYS A 1 0.66 -0.55 -5.28
CA CYS A 1 0.90 -1.34 -4.08
C CYS A 1 2.21 -0.96 -3.42
N ARG A 2 2.16 -0.69 -2.14
CA ARG A 2 3.36 -0.31 -1.39
C ARG A 2 3.39 1.20 -1.16
N PRO A 3 4.57 1.68 -0.70
CA PRO A 3 4.74 3.11 -0.44
C PRO A 3 4.04 3.51 0.85
N LEU A 4 2.71 3.51 0.80
CA LEU A 4 1.91 3.87 1.95
C LEU A 4 0.46 4.10 1.52
N TRP A 5 -0.33 3.04 1.62
CA TRP A 5 -1.72 3.11 1.24
C TRP A 5 -1.98 2.03 0.18
N THR A 6 -0.89 1.55 -0.41
CA THR A 6 -0.98 0.53 -1.43
C THR A 6 -1.12 -0.85 -0.79
N ALA A 7 -1.92 -0.91 0.27
CA ALA A 7 -2.14 -2.16 0.98
C ALA A 7 -2.50 -3.26 -0.03
N CYS A 8 -3.02 -2.82 -1.17
CA CYS A 8 -3.41 -3.75 -2.23
C CYS A 8 -2.35 -4.83 -2.44
N GLY A 9 -1.09 -4.47 -2.18
CA GLY A 9 -0.01 -5.41 -2.34
C GLY A 9 1.08 -5.23 -1.29
N CYS A 1 6.45 -1.28 -3.74
CA CYS A 1 5.04 -1.39 -3.41
C CYS A 1 4.59 -0.23 -2.55
N ARG A 2 3.38 -0.32 -2.00
CA ARG A 2 2.85 0.73 -1.16
C ARG A 2 3.73 0.91 0.08
N PRO A 3 3.78 -0.18 0.90
CA PRO A 3 4.58 -0.16 2.12
C PRO A 3 3.88 0.66 3.20
N LEU A 4 2.82 1.34 2.80
CA LEU A 4 2.06 2.17 3.73
C LEU A 4 0.94 2.88 2.97
N TRP A 5 0.51 2.25 1.89
CA TRP A 5 -0.55 2.81 1.07
C TRP A 5 -1.89 2.45 1.73
N THR A 6 -1.83 1.51 2.66
CA THR A 6 -3.02 1.07 3.36
C THR A 6 -3.35 -0.38 2.99
N ALA A 7 -2.37 -1.05 2.39
CA ALA A 7 -2.56 -2.42 1.98
C ALA A 7 -2.19 -2.58 0.51
N CYS A 8 -1.14 -3.35 0.26
CA CYS A 8 -0.67 -3.59 -1.10
C CYS A 8 -1.15 -4.94 -1.60
N GLY A 9 -1.23 -5.92 -0.71
CA GLY A 9 -1.69 -7.24 -1.09
C GLY A 9 -0.58 -8.28 -1.00
N CYS A 1 2.78 -2.99 -0.46
CA CYS A 1 1.86 -2.06 -1.12
C CYS A 1 2.36 -0.63 -1.00
N ARG A 2 3.62 -0.41 -1.34
CA ARG A 2 4.20 0.92 -1.27
C ARG A 2 4.14 1.45 0.17
N PRO A 3 4.71 0.65 1.11
CA PRO A 3 4.72 1.03 2.51
C PRO A 3 3.33 0.84 3.14
N LEU A 4 2.34 1.47 2.52
CA LEU A 4 0.98 1.37 3.01
C LEU A 4 0.09 2.31 2.19
N TRP A 5 0.38 2.38 0.90
CA TRP A 5 -0.39 3.23 0.01
C TRP A 5 -1.71 2.53 -0.32
N THR A 6 -1.62 1.21 -0.44
CA THR A 6 -2.79 0.40 -0.74
C THR A 6 -3.66 0.22 0.50
N ALA A 7 -3.21 -0.67 1.36
CA ALA A 7 -3.92 -0.95 2.60
C ALA A 7 -3.36 -2.23 3.24
N CYS A 8 -3.37 -3.29 2.46
CA CYS A 8 -2.87 -4.58 2.92
C CYS A 8 -3.57 -5.01 4.20
N GLY A 9 -4.50 -5.96 4.08
CA GLY A 9 -5.24 -6.43 5.23
C GLY A 9 -5.98 -5.32 5.95
N CYS A 1 1.16 0.10 -4.27
CA CYS A 1 1.61 -0.65 -3.11
C CYS A 1 3.09 -0.36 -2.80
N ARG A 2 3.33 0.26 -1.66
CA ARG A 2 4.69 0.59 -1.27
C ARG A 2 4.73 1.07 0.19
N PRO A 3 4.17 0.21 1.08
CA PRO A 3 4.14 0.54 2.50
C PRO A 3 3.06 1.59 2.79
N LEU A 4 1.82 1.14 2.79
CA LEU A 4 0.69 2.01 3.05
C LEU A 4 -0.51 1.57 2.20
N TRP A 5 -1.04 2.52 1.45
CA TRP A 5 -2.19 2.24 0.60
C TRP A 5 -3.38 1.88 1.50
N THR A 6 -3.19 2.12 2.79
CA THR A 6 -4.23 1.83 3.76
C THR A 6 -4.60 0.34 3.70
N ALA A 7 -3.60 -0.48 3.41
CA ALA A 7 -3.81 -1.90 3.33
C ALA A 7 -2.76 -2.52 2.39
N CYS A 8 -2.33 -1.70 1.43
CA CYS A 8 -1.33 -2.13 0.45
C CYS A 8 -0.93 -0.97 -0.45
N GLY A 9 -1.76 -0.70 -1.45
CA GLY A 9 -1.47 0.38 -2.37
C GLY A 9 -2.71 1.19 -2.73
N CYS A 1 2.45 0.35 -4.28
CA CYS A 1 2.56 0.65 -2.87
C CYS A 1 4.02 0.70 -2.43
N ARG A 2 4.24 0.81 -1.13
CA ARG A 2 5.60 0.88 -0.61
C ARG A 2 5.58 0.82 0.92
N PRO A 3 4.94 -0.27 1.44
CA PRO A 3 4.85 -0.46 2.89
C PRO A 3 3.81 0.49 3.49
N LEU A 4 2.63 0.52 2.87
CA LEU A 4 1.57 1.37 3.33
C LEU A 4 0.53 1.54 2.22
N TRP A 5 0.23 2.79 1.91
CA TRP A 5 -0.74 3.09 0.87
C TRP A 5 -2.13 2.91 1.46
N THR A 6 -2.16 2.50 2.71
CA THR A 6 -3.43 2.28 3.40
C THR A 6 -3.75 0.78 3.45
N ALA A 7 -3.29 0.07 2.43
CA ALA A 7 -3.52 -1.35 2.35
C ALA A 7 -3.57 -1.78 0.88
N CYS A 8 -3.90 -0.81 0.03
CA CYS A 8 -3.99 -1.05 -1.41
C CYS A 8 -5.06 -2.11 -1.72
N GLY A 9 -6.16 -1.66 -2.29
CA GLY A 9 -7.23 -2.57 -2.64
C GLY A 9 -7.77 -3.31 -1.43
N CYS A 1 1.14 -2.17 1.46
CA CYS A 1 2.43 -2.81 1.73
C CYS A 1 3.43 -2.49 0.61
N ARG A 2 3.43 -1.24 0.18
CA ARG A 2 4.34 -0.81 -0.87
C ARG A 2 4.24 0.69 -1.10
N PRO A 3 4.44 1.46 0.00
CA PRO A 3 4.36 2.91 -0.06
C PRO A 3 2.91 3.37 -0.15
N LEU A 4 2.04 2.45 -0.56
CA LEU A 4 0.63 2.76 -0.69
C LEU A 4 0.03 3.01 0.70
N TRP A 5 -1.05 2.31 0.97
CA TRP A 5 -1.73 2.46 2.26
C TRP A 5 -3.23 2.30 2.03
N THR A 6 -3.62 2.47 0.76
CA THR A 6 -5.02 2.35 0.40
C THR A 6 -5.51 0.92 0.63
N ALA A 7 -4.55 0.01 0.75
CA ALA A 7 -4.87 -1.39 0.98
C ALA A 7 -3.57 -2.20 1.04
N CYS A 8 -2.98 -2.40 -0.12
CA CYS A 8 -1.74 -3.15 -0.22
C CYS A 8 -1.26 -3.23 -1.68
N GLY A 9 -0.03 -2.76 -1.91
CA GLY A 9 0.51 -2.78 -3.26
C GLY A 9 1.45 -3.95 -3.48
N CYS A 1 1.79 -3.82 -3.76
CA CYS A 1 1.80 -2.94 -2.60
C CYS A 1 3.23 -2.73 -2.10
N ARG A 2 3.40 -1.75 -1.22
CA ARG A 2 4.72 -1.46 -0.68
C ARG A 2 4.62 -0.37 0.40
N PRO A 3 3.73 -0.62 1.39
CA PRO A 3 3.52 0.33 2.47
C PRO A 3 2.71 1.53 2.00
N LEU A 4 2.24 2.31 2.97
CA LEU A 4 1.45 3.49 2.67
C LEU A 4 -0.01 3.24 3.07
N TRP A 5 -0.57 2.19 2.50
CA TRP A 5 -1.95 1.83 2.78
C TRP A 5 -2.86 2.70 1.91
N THR A 6 -2.29 3.80 1.44
CA THR A 6 -3.04 4.72 0.59
C THR A 6 -3.83 3.94 -0.46
N ALA A 7 -3.26 2.83 -0.89
CA ALA A 7 -3.90 1.99 -1.89
C ALA A 7 -3.05 0.74 -2.12
N CYS A 8 -2.26 0.78 -3.19
CA CYS A 8 -1.39 -0.33 -3.55
C CYS A 8 -0.46 0.06 -4.71
N GLY A 9 -1.05 0.30 -5.87
CA GLY A 9 -0.27 0.67 -7.03
C GLY A 9 0.23 -0.52 -7.81
N CYS A 1 2.55 -0.67 -5.92
CA CYS A 1 2.58 0.45 -4.98
C CYS A 1 3.38 0.07 -3.73
N ARG A 2 3.31 0.93 -2.72
CA ARG A 2 4.03 0.67 -1.48
C ARG A 2 3.93 1.90 -0.56
N PRO A 3 4.66 1.81 0.59
CA PRO A 3 4.65 2.89 1.56
C PRO A 3 3.35 2.91 2.35
N LEU A 4 2.51 3.88 2.02
CA LEU A 4 1.23 4.02 2.70
C LEU A 4 0.23 3.01 2.11
N TRP A 5 0.66 1.76 2.11
CA TRP A 5 -0.18 0.69 1.58
C TRP A 5 -1.59 1.25 1.40
N THR A 6 -2.27 1.45 2.52
CA THR A 6 -3.62 1.97 2.48
C THR A 6 -4.63 0.85 2.22
N ALA A 7 -4.14 -0.20 1.57
CA ALA A 7 -4.97 -1.34 1.25
C ALA A 7 -4.80 -1.69 -0.22
N CYS A 8 -4.21 -0.76 -0.96
CA CYS A 8 -3.97 -0.95 -2.38
C CYS A 8 -3.31 -2.29 -2.65
N GLY A 9 -2.57 -2.80 -1.67
CA GLY A 9 -1.91 -4.08 -1.82
C GLY A 9 -0.84 -4.05 -2.90
N CYS A 1 -0.09 -4.58 -2.12
CA CYS A 1 0.88 -3.95 -1.23
C CYS A 1 1.90 -3.13 -2.02
N ARG A 2 2.07 -1.87 -1.64
CA ARG A 2 3.01 -1.01 -2.32
C ARG A 2 3.16 0.32 -1.57
N PRO A 3 3.48 0.20 -0.26
CA PRO A 3 3.65 1.38 0.58
C PRO A 3 2.30 1.99 0.94
N LEU A 4 2.35 2.99 1.81
CA LEU A 4 1.15 3.67 2.24
C LEU A 4 0.60 4.52 1.09
N TRP A 5 -0.14 3.87 0.21
CA TRP A 5 -0.72 4.54 -0.93
C TRP A 5 -1.59 3.54 -1.70
N THR A 6 -2.24 2.68 -0.93
CA THR A 6 -3.10 1.66 -1.50
C THR A 6 -2.35 0.34 -1.65
N ALA A 7 -2.37 -0.43 -0.57
CA ALA A 7 -1.69 -1.72 -0.55
C ALA A 7 -1.27 -2.05 0.88
N CYS A 8 -1.81 -3.16 1.39
CA CYS A 8 -1.50 -3.61 2.73
C CYS A 8 -0.19 -3.01 3.22
N GLY A 9 0.92 -3.54 2.72
CA GLY A 9 2.23 -3.04 3.11
C GLY A 9 3.03 -4.07 3.90
N CYS A 1 2.39 -2.81 -4.86
CA CYS A 1 2.41 -1.81 -3.80
C CYS A 1 3.82 -1.62 -3.26
N ARG A 2 3.91 -1.05 -2.07
CA ARG A 2 5.21 -0.82 -1.45
C ARG A 2 5.03 -0.07 -0.13
N PRO A 3 4.28 -0.72 0.81
CA PRO A 3 4.04 -0.12 2.11
C PRO A 3 3.01 1.01 2.02
N LEU A 4 2.44 1.35 3.16
CA LEU A 4 1.45 2.41 3.22
C LEU A 4 0.14 1.91 2.59
N TRP A 5 -0.08 0.61 2.69
CA TRP A 5 -1.28 0.00 2.14
C TRP A 5 -2.47 0.85 2.57
N THR A 6 -2.32 1.50 3.71
CA THR A 6 -3.38 2.35 4.24
C THR A 6 -4.01 3.18 3.12
N ALA A 7 -3.18 3.50 2.13
CA ALA A 7 -3.63 4.29 0.99
C ALA A 7 -2.52 4.37 -0.05
N CYS A 8 -2.37 3.27 -0.79
CA CYS A 8 -1.35 3.19 -1.84
C CYS A 8 -1.60 4.23 -2.91
N GLY A 9 -2.88 4.48 -3.21
CA GLY A 9 -3.22 5.45 -4.23
C GLY A 9 -3.71 4.80 -5.51
N CYS A 1 1.68 -3.87 -1.89
CA CYS A 1 1.81 -2.56 -1.25
C CYS A 1 3.26 -2.10 -1.24
N ARG A 2 3.53 -1.03 -0.51
CA ARG A 2 4.88 -0.50 -0.42
C ARG A 2 4.95 0.64 0.60
N PRO A 3 4.52 0.31 1.85
CA PRO A 3 4.51 1.30 2.91
C PRO A 3 3.37 2.30 2.74
N LEU A 4 2.73 2.21 1.60
CA LEU A 4 1.62 3.11 1.29
C LEU A 4 0.45 2.80 2.23
N TRP A 5 -0.70 2.56 1.63
CA TRP A 5 -1.90 2.26 2.39
C TRP A 5 -3.10 2.92 1.70
N THR A 6 -2.78 3.86 0.83
CA THR A 6 -3.81 4.58 0.09
C THR A 6 -4.63 3.59 -0.74
N ALA A 7 -4.03 2.45 -1.02
CA ALA A 7 -4.70 1.42 -1.81
C ALA A 7 -3.68 0.75 -2.73
N CYS A 8 -3.44 -0.53 -2.47
CA CYS A 8 -2.50 -1.32 -3.25
C CYS A 8 -3.16 -2.57 -3.82
N GLY A 9 -3.39 -3.56 -2.96
CA GLY A 9 -4.01 -4.79 -3.39
C GLY A 9 -3.17 -6.01 -3.08
N CYS A 1 2.61 -0.72 -5.00
CA CYS A 1 2.51 -1.03 -3.58
C CYS A 1 3.89 -1.07 -2.93
N ARG A 2 3.96 -0.61 -1.68
CA ARG A 2 5.22 -0.61 -0.96
C ARG A 2 4.99 -0.14 0.48
N PRO A 3 4.08 -0.86 1.18
CA PRO A 3 3.76 -0.55 2.56
C PRO A 3 2.89 0.71 2.65
N LEU A 4 2.33 0.92 3.83
CA LEU A 4 1.48 2.07 4.05
C LEU A 4 0.01 1.63 4.02
N TRP A 5 -0.45 1.33 2.82
CA TRP A 5 -1.82 0.89 2.64
C TRP A 5 -2.70 2.14 2.55
N THR A 6 -2.08 3.28 2.81
CA THR A 6 -2.80 4.55 2.76
C THR A 6 -3.41 4.76 1.38
N ALA A 7 -2.84 4.09 0.40
CA ALA A 7 -3.32 4.19 -0.97
C ALA A 7 -2.30 3.56 -1.92
N CYS A 8 -2.65 2.38 -2.41
CA CYS A 8 -1.78 1.64 -3.33
C CYS A 8 -2.24 1.83 -4.77
N GLY A 9 -3.56 1.85 -4.98
CA GLY A 9 -4.09 2.03 -6.31
C GLY A 9 -4.32 0.70 -7.03
N CYS A 1 4.02 2.49 -4.11
CA CYS A 1 3.47 1.72 -3.00
C CYS A 1 4.57 1.32 -2.02
N ARG A 2 4.21 0.48 -1.06
CA ARG A 2 5.18 0.03 -0.07
C ARG A 2 4.46 -0.34 1.24
N PRO A 3 3.55 -1.34 1.12
CA PRO A 3 2.80 -1.80 2.28
C PRO A 3 1.70 -0.80 2.65
N LEU A 4 2.12 0.45 2.80
CA LEU A 4 1.19 1.50 3.16
C LEU A 4 0.12 1.63 2.08
N TRP A 5 0.07 2.83 1.50
CA TRP A 5 -0.90 3.10 0.44
C TRP A 5 -2.29 3.10 1.07
N THR A 6 -2.32 2.97 2.39
CA THR A 6 -3.57 2.95 3.12
C THR A 6 -4.57 1.98 2.47
N ALA A 7 -4.04 0.84 2.03
CA ALA A 7 -4.86 -0.17 1.40
C ALA A 7 -3.95 -1.16 0.66
N CYS A 8 -2.82 -0.65 0.19
CA CYS A 8 -1.85 -1.46 -0.54
C CYS A 8 -1.53 -2.74 0.23
N GLY A 9 -1.61 -2.66 1.55
CA GLY A 9 -1.32 -3.81 2.39
C GLY A 9 -2.52 -4.72 2.55
N CYS A 1 5.19 -4.33 -2.70
CA CYS A 1 4.13 -3.34 -2.57
C CYS A 1 4.55 -2.20 -1.65
N ARG A 2 3.92 -1.05 -1.81
CA ARG A 2 4.23 0.10 -0.98
C ARG A 2 3.46 1.34 -1.46
N PRO A 3 3.82 2.51 -0.88
CA PRO A 3 3.17 3.76 -1.24
C PRO A 3 1.77 3.84 -0.63
N LEU A 4 0.93 2.89 -1.03
CA LEU A 4 -0.44 2.84 -0.54
C LEU A 4 -0.43 2.73 0.99
N TRP A 5 0.67 2.18 1.51
CA TRP A 5 0.82 2.01 2.94
C TRP A 5 -0.08 0.86 3.37
N THR A 6 -1.17 0.67 2.64
CA THR A 6 -2.12 -0.38 2.93
C THR A 6 -3.10 -0.57 1.78
N ALA A 7 -2.65 -0.18 0.59
CA ALA A 7 -3.48 -0.29 -0.60
C ALA A 7 -3.43 -1.73 -1.11
N CYS A 8 -2.68 -1.90 -2.19
CA CYS A 8 -2.53 -3.23 -2.81
C CYS A 8 -3.89 -3.89 -3.01
N GLY A 9 -4.42 -3.80 -4.22
CA GLY A 9 -5.71 -4.39 -4.52
C GLY A 9 -6.78 -3.34 -4.77
N CYS A 1 1.29 -1.22 0.01
CA CYS A 1 2.09 -2.03 -0.91
C CYS A 1 3.35 -1.27 -1.33
N ARG A 2 3.76 -0.31 -0.52
CA ARG A 2 4.94 0.47 -0.82
C ARG A 2 5.16 1.53 0.27
N PRO A 3 5.33 1.04 1.53
CA PRO A 3 5.55 1.92 2.65
C PRO A 3 4.26 2.62 3.06
N LEU A 4 3.15 1.93 2.86
CA LEU A 4 1.84 2.48 3.20
C LEU A 4 0.79 1.82 2.32
N TRP A 5 -0.05 2.66 1.72
CA TRP A 5 -1.11 2.17 0.86
C TRP A 5 -1.83 1.03 1.58
N THR A 6 -1.80 1.12 2.91
CA THR A 6 -2.45 0.11 3.73
C THR A 6 -3.72 -0.40 3.04
N ALA A 7 -4.46 0.53 2.48
CA ALA A 7 -5.70 0.19 1.80
C ALA A 7 -5.38 -0.65 0.56
N CYS A 8 -4.73 -0.01 -0.40
CA CYS A 8 -4.36 -0.68 -1.65
C CYS A 8 -5.60 -1.13 -2.42
N GLY A 9 -5.75 -0.61 -3.63
CA GLY A 9 -6.88 -0.97 -4.46
C GLY A 9 -8.00 0.06 -4.40
N CYS A 1 4.98 -4.97 -1.51
CA CYS A 1 3.94 -4.00 -1.84
C CYS A 1 4.28 -2.63 -1.25
N ARG A 2 3.43 -1.65 -1.54
CA ARG A 2 3.65 -0.30 -1.03
C ARG A 2 2.74 0.69 -1.76
N PRO A 3 2.94 1.99 -1.45
CA PRO A 3 2.15 3.05 -2.05
C PRO A 3 0.74 3.09 -1.46
N LEU A 4 0.09 1.94 -1.48
CA LEU A 4 -1.25 1.83 -0.94
C LEU A 4 -1.29 2.43 0.46
N TRP A 5 -0.16 2.31 1.15
CA TRP A 5 -0.05 2.82 2.51
C TRP A 5 -1.06 2.07 3.37
N THR A 6 -1.73 1.11 2.76
CA THR A 6 -2.72 0.32 3.47
C THR A 6 -3.30 -0.75 2.54
N ALA A 7 -3.45 -0.38 1.29
CA ALA A 7 -4.00 -1.30 0.30
C ALA A 7 -2.93 -2.33 -0.07
N CYS A 8 -2.14 -1.99 -1.08
CA CYS A 8 -1.07 -2.87 -1.55
C CYS A 8 -0.28 -2.22 -2.68
N GLY A 9 -0.98 -1.83 -3.74
CA GLY A 9 -0.34 -1.19 -4.87
C GLY A 9 -1.23 -1.15 -6.09
#